data_2OA7
#
_entry.id   2OA7
#
_cell.length_a   132.602
_cell.length_b   78.541
_cell.length_c   57.531
_cell.angle_alpha   90.00
_cell.angle_beta   111.40
_cell.angle_gamma   90.00
#
_symmetry.space_group_name_H-M   'C 1 2 1'
#
loop_
_entity.id
_entity.type
_entity.pdbx_description
1 polymer 'Glutathione S-transferase P 1'
2 non-polymer S-HEXYLGLUTATHIONE
3 water water
#
_entity_poly.entity_id   1
_entity_poly.type   'polypeptide(L)'
_entity_poly.pdbx_seq_one_letter_code
;PPYTIVYFPVRGRAEAMRMLLADQGQSWKEEVVTIDTWMQGLLKPTCLYGQLPKFEDGDLTLYQSNAILRHLGRSLGLYG
KNQREAAQMDMVNDGVEDLRGKYVTLIYTNYENGKNDYVKALPGHLKPFETLLSQNQGGKAFIVGDQISFADYNLLDLLL
IHQVLAPGCLDNFPLLSAYVARLSARPKIKAFLSSPEHVNRPINGNGKQ
;
_entity_poly.pdbx_strand_id   A,B
#
loop_
_chem_comp.id
_chem_comp.type
_chem_comp.name
_chem_comp.formula
GTX non-polymer S-HEXYLGLUTATHIONE 'C16 H30 N3 O6 S 1'
#
# COMPACT_ATOMS: atom_id res chain seq x y z
N PRO A 1 -14.20 -6.54 18.44
CA PRO A 1 -13.56 -7.68 19.13
C PRO A 1 -14.60 -8.77 19.45
N PRO A 2 -14.15 -10.02 19.67
CA PRO A 2 -12.73 -10.40 19.65
C PRO A 2 -12.22 -10.40 18.22
N TYR A 3 -10.91 -10.58 18.09
CA TYR A 3 -10.27 -10.60 16.78
C TYR A 3 -10.05 -12.03 16.33
N THR A 4 -10.07 -12.22 15.02
CA THR A 4 -9.85 -13.53 14.42
C THR A 4 -9.00 -13.33 13.18
N ILE A 5 -7.92 -14.10 13.08
CA ILE A 5 -7.03 -14.01 11.93
C ILE A 5 -7.16 -15.30 11.14
N VAL A 6 -7.50 -15.15 9.84
CA VAL A 6 -7.65 -16.29 8.93
C VAL A 6 -6.51 -16.17 7.91
N TYR A 7 -5.53 -17.06 8.07
CA TYR A 7 -4.35 -17.05 7.21
C TYR A 7 -3.72 -18.44 7.13
N PHE A 8 -2.78 -18.56 6.19
CA PHE A 8 -2.02 -19.77 5.94
C PHE A 8 -1.08 -20.04 7.12
N PRO A 9 -0.60 -21.29 7.23
CA PRO A 9 0.32 -21.69 8.31
C PRO A 9 1.74 -21.13 8.23
N VAL A 10 1.85 -19.81 8.05
CA VAL A 10 3.15 -19.15 7.99
C VAL A 10 3.07 -17.78 8.65
N ARG A 11 4.22 -17.18 8.92
CA ARG A 11 4.26 -15.86 9.53
C ARG A 11 3.88 -14.85 8.44
N GLY A 12 4.63 -14.88 7.34
CA GLY A 12 4.36 -14.01 6.20
C GLY A 12 3.79 -12.62 6.48
N ARG A 13 2.63 -12.33 5.88
CA ARG A 13 2.01 -11.03 6.03
C ARG A 13 1.07 -10.88 7.24
N ALA A 14 1.15 -11.80 8.19
CA ALA A 14 0.29 -11.73 9.38
C ALA A 14 1.09 -11.55 10.67
N GLU A 15 2.38 -11.85 10.63
CA GLU A 15 3.19 -11.74 11.83
C GLU A 15 3.24 -10.33 12.39
N ALA A 16 3.19 -9.32 11.52
CA ALA A 16 3.23 -7.93 11.99
C ALA A 16 1.98 -7.63 12.81
N MET A 17 0.80 -8.00 12.29
CA MET A 17 -0.44 -7.73 13.03
C MET A 17 -0.53 -8.57 14.31
N ARG A 18 -0.02 -9.79 14.27
CA ARG A 18 -0.04 -10.65 15.45
C ARG A 18 0.83 -10.00 16.53
N MET A 19 1.99 -9.54 16.12
CA MET A 19 2.92 -8.90 17.04
C MET A 19 2.32 -7.63 17.62
N LEU A 20 1.54 -6.92 16.80
CA LEU A 20 0.90 -5.68 17.24
C LEU A 20 -0.18 -5.97 18.29
N LEU A 21 -0.97 -7.02 18.03
CA LEU A 21 -2.04 -7.40 18.95
C LEU A 21 -1.43 -7.89 20.27
N ALA A 22 -0.31 -8.60 20.17
CA ALA A 22 0.38 -9.13 21.34
C ALA A 22 0.95 -8.03 22.21
N ASP A 23 1.58 -7.04 21.57
CA ASP A 23 2.19 -5.93 22.30
C ASP A 23 1.14 -5.04 22.95
N GLN A 24 -0.06 -5.03 22.38
CA GLN A 24 -1.13 -4.20 22.92
C GLN A 24 -2.01 -4.97 23.91
N GLY A 25 -1.54 -6.14 24.33
CA GLY A 25 -2.29 -6.94 25.27
C GLY A 25 -3.66 -7.35 24.79
N GLN A 26 -3.79 -7.59 23.48
CA GLN A 26 -5.08 -8.00 22.90
C GLN A 26 -5.16 -9.52 22.73
N SER A 27 -6.37 -10.04 22.64
CA SER A 27 -6.57 -11.47 22.46
C SER A 27 -7.22 -11.72 21.11
N TRP A 28 -6.79 -12.78 20.41
CA TRP A 28 -7.37 -13.09 19.11
C TRP A 28 -7.46 -14.58 18.84
N LYS A 29 -8.27 -14.93 17.85
CA LYS A 29 -8.47 -16.31 17.47
C LYS A 29 -7.71 -16.57 16.18
N GLU A 30 -7.06 -17.73 16.10
CA GLU A 30 -6.29 -18.10 14.91
C GLU A 30 -6.94 -19.24 14.14
N GLU A 31 -7.45 -18.93 12.95
CA GLU A 31 -8.03 -19.95 12.11
C GLU A 31 -7.02 -20.25 11.02
N VAL A 32 -6.25 -21.32 11.22
CA VAL A 32 -5.21 -21.72 10.28
C VAL A 32 -5.80 -22.45 9.08
N VAL A 33 -5.52 -21.92 7.89
CA VAL A 33 -6.00 -22.53 6.66
C VAL A 33 -4.85 -23.32 6.03
N THR A 34 -4.96 -24.65 6.08
CA THR A 34 -3.92 -25.50 5.51
C THR A 34 -3.99 -25.42 3.99
N ILE A 35 -2.93 -25.88 3.34
CA ILE A 35 -2.88 -25.86 1.88
C ILE A 35 -3.92 -26.84 1.34
N ASP A 36 -4.12 -27.94 2.05
CA ASP A 36 -5.10 -28.93 1.62
C ASP A 36 -6.49 -28.30 1.61
N THR A 37 -6.83 -27.58 2.68
CA THR A 37 -8.13 -26.94 2.75
C THR A 37 -8.28 -25.94 1.60
N TRP A 38 -7.31 -25.04 1.48
CA TRP A 38 -7.33 -24.03 0.42
C TRP A 38 -7.60 -24.62 -0.95
N MET A 39 -6.87 -25.69 -1.29
CA MET A 39 -7.02 -26.35 -2.59
C MET A 39 -8.40 -26.98 -2.82
N GLN A 40 -9.25 -26.93 -1.81
CA GLN A 40 -10.60 -27.47 -1.97
C GLN A 40 -11.40 -26.45 -2.76
N GLY A 41 -10.87 -25.24 -2.89
CA GLY A 41 -11.53 -24.19 -3.66
C GLY A 41 -12.82 -23.62 -3.11
N LEU A 42 -13.06 -23.86 -1.82
CA LEU A 42 -14.28 -23.36 -1.18
C LEU A 42 -14.09 -21.99 -0.54
N LEU A 43 -12.93 -21.78 0.07
CA LEU A 43 -12.64 -20.53 0.76
C LEU A 43 -12.30 -19.36 -0.16
N LYS A 44 -11.36 -19.57 -1.06
CA LYS A 44 -10.91 -18.54 -1.99
C LYS A 44 -12.01 -17.75 -2.70
N PRO A 45 -13.06 -18.42 -3.18
CA PRO A 45 -14.14 -17.70 -3.86
C PRO A 45 -14.87 -16.68 -2.98
N THR A 46 -14.80 -16.86 -1.67
CA THR A 46 -15.46 -15.98 -0.71
C THR A 46 -14.58 -14.84 -0.22
N CYS A 47 -13.32 -14.83 -0.64
CA CYS A 47 -12.40 -13.78 -0.25
C CYS A 47 -12.48 -12.64 -1.28
N LEU A 48 -12.63 -11.40 -0.81
CA LEU A 48 -12.78 -10.25 -1.71
C LEU A 48 -11.87 -10.29 -2.93
N TYR A 49 -10.58 -10.42 -2.66
CA TYR A 49 -9.54 -10.43 -3.67
C TYR A 49 -8.97 -11.85 -3.89
N GLY A 50 -9.71 -12.85 -3.43
CA GLY A 50 -9.27 -14.23 -3.56
C GLY A 50 -7.99 -14.52 -2.79
N GLN A 51 -7.73 -13.79 -1.71
CA GLN A 51 -6.51 -14.00 -0.94
C GLN A 51 -6.65 -13.79 0.57
N LEU A 52 -5.65 -14.29 1.30
CA LEU A 52 -5.56 -14.17 2.76
C LEU A 52 -4.30 -13.33 3.04
N PRO A 53 -4.17 -12.77 4.25
CA PRO A 53 -5.09 -12.85 5.39
C PRO A 53 -6.44 -12.16 5.31
N LYS A 54 -7.38 -12.73 6.05
CA LYS A 54 -8.74 -12.24 6.21
C LYS A 54 -8.80 -11.91 7.69
N PHE A 55 -9.40 -10.78 8.06
CA PHE A 55 -9.45 -10.38 9.46
C PHE A 55 -10.86 -10.12 9.95
N GLU A 56 -11.15 -10.53 11.18
CA GLU A 56 -12.46 -10.31 11.75
C GLU A 56 -12.37 -9.53 13.05
N ASP A 57 -13.10 -8.41 13.09
CA ASP A 57 -13.15 -7.56 14.26
C ASP A 57 -14.64 -7.38 14.56
N GLY A 58 -15.22 -8.36 15.23
CA GLY A 58 -16.64 -8.27 15.52
C GLY A 58 -17.44 -8.49 14.24
N ASP A 59 -18.24 -7.51 13.85
CA ASP A 59 -19.03 -7.64 12.62
C ASP A 59 -18.28 -7.15 11.38
N LEU A 60 -17.08 -6.61 11.58
CA LEU A 60 -16.28 -6.13 10.46
C LEU A 60 -15.32 -7.18 9.92
N THR A 61 -15.40 -7.44 8.62
CA THR A 61 -14.51 -8.40 7.97
C THR A 61 -13.63 -7.58 7.04
N LEU A 62 -12.33 -7.83 7.08
CA LEU A 62 -11.38 -7.09 6.24
C LEU A 62 -10.36 -8.02 5.58
N TYR A 63 -9.80 -7.54 4.47
CA TYR A 63 -8.74 -8.23 3.72
C TYR A 63 -7.68 -7.17 3.46
N GLN A 64 -6.51 -7.60 2.98
CA GLN A 64 -5.39 -6.70 2.70
C GLN A 64 -4.68 -6.44 4.02
N SER A 65 -3.49 -7.02 4.16
CA SER A 65 -2.70 -6.92 5.38
C SER A 65 -2.45 -5.50 5.90
N ASN A 66 -2.14 -4.56 5.01
CA ASN A 66 -1.87 -3.19 5.43
C ASN A 66 -3.13 -2.45 5.85
N ALA A 67 -4.26 -2.82 5.25
CA ALA A 67 -5.53 -2.21 5.59
C ALA A 67 -5.92 -2.66 7.00
N ILE A 68 -5.58 -3.90 7.33
CA ILE A 68 -5.85 -4.47 8.64
C ILE A 68 -4.92 -3.82 9.67
N LEU A 69 -3.66 -3.62 9.29
CA LEU A 69 -2.69 -2.99 10.18
C LEU A 69 -3.10 -1.54 10.47
N ARG A 70 -3.61 -0.86 9.45
CA ARG A 70 -4.06 0.52 9.60
C ARG A 70 -5.31 0.59 10.46
N HIS A 71 -6.22 -0.37 10.26
CA HIS A 71 -7.45 -0.40 11.05
C HIS A 71 -7.11 -0.57 12.53
N LEU A 72 -6.24 -1.53 12.82
CA LEU A 72 -5.82 -1.78 14.20
C LEU A 72 -5.13 -0.57 14.81
N GLY A 73 -4.36 0.15 14.00
CA GLY A 73 -3.68 1.33 14.51
C GLY A 73 -4.66 2.44 14.83
N ARG A 74 -5.66 2.59 13.97
CA ARG A 74 -6.67 3.62 14.12
C ARG A 74 -7.60 3.36 15.32
N SER A 75 -8.01 2.12 15.50
CA SER A 75 -8.92 1.80 16.61
C SER A 75 -8.23 1.54 17.94
N LEU A 76 -6.90 1.38 17.92
CA LEU A 76 -6.14 1.13 19.14
C LEU A 76 -5.21 2.31 19.48
N GLY A 77 -5.30 3.39 18.70
CA GLY A 77 -4.46 4.55 18.96
C GLY A 77 -2.99 4.41 18.62
N LEU A 78 -2.70 3.78 17.49
CA LEU A 78 -1.34 3.56 17.03
C LEU A 78 -1.14 4.20 15.66
N TYR A 79 -1.69 5.40 15.50
CA TYR A 79 -1.59 6.10 14.22
C TYR A 79 -1.15 7.56 14.43
N GLY A 80 -0.19 7.76 15.34
CA GLY A 80 0.31 9.10 15.59
C GLY A 80 -0.64 9.94 16.43
N LYS A 81 -0.27 11.21 16.64
CA LYS A 81 -1.09 12.13 17.43
C LYS A 81 -1.84 13.16 16.60
N ASN A 82 -1.39 13.38 15.36
CA ASN A 82 -2.04 14.34 14.48
C ASN A 82 -1.98 13.90 13.02
N GLN A 83 -2.56 14.70 12.13
CA GLN A 83 -2.58 14.40 10.70
C GLN A 83 -1.18 14.38 10.07
N ARG A 84 -0.25 15.14 10.66
CA ARG A 84 1.11 15.18 10.13
C ARG A 84 1.83 13.86 10.37
N GLU A 85 1.74 13.35 11.60
CA GLU A 85 2.38 12.08 11.91
C GLU A 85 1.71 10.94 11.15
N ALA A 86 0.39 10.98 11.08
CA ALA A 86 -0.36 9.94 10.39
C ALA A 86 0.12 9.79 8.94
N ALA A 87 0.34 10.90 8.25
CA ALA A 87 0.81 10.85 6.87
C ALA A 87 2.23 10.27 6.75
N GLN A 88 3.11 10.63 7.69
CA GLN A 88 4.48 10.14 7.69
C GLN A 88 4.51 8.65 7.99
N MET A 89 3.55 8.19 8.79
CA MET A 89 3.47 6.78 9.11
C MET A 89 3.02 6.02 7.87
N ASP A 90 2.17 6.64 7.06
CA ASP A 90 1.73 5.98 5.83
C ASP A 90 2.92 5.92 4.88
N MET A 91 3.69 7.00 4.84
CA MET A 91 4.87 7.07 3.96
C MET A 91 5.87 5.98 4.31
N VAL A 92 6.03 5.75 5.61
CA VAL A 92 6.95 4.72 6.11
C VAL A 92 6.42 3.33 5.73
N ASN A 93 5.15 3.08 6.02
CA ASN A 93 4.57 1.78 5.73
C ASN A 93 4.57 1.40 4.25
N ASP A 94 4.35 2.38 3.38
CA ASP A 94 4.37 2.14 1.94
C ASP A 94 5.79 1.71 1.53
N GLY A 95 6.78 2.26 2.23
CA GLY A 95 8.16 1.91 1.95
C GLY A 95 8.43 0.49 2.43
N VAL A 96 7.88 0.14 3.59
CA VAL A 96 8.03 -1.19 4.14
C VAL A 96 7.36 -2.20 3.22
N GLU A 97 6.16 -1.87 2.74
CA GLU A 97 5.42 -2.74 1.83
C GLU A 97 6.20 -2.95 0.53
N ASP A 98 6.77 -1.88 -0.03
CA ASP A 98 7.53 -2.02 -1.27
C ASP A 98 8.66 -3.04 -1.09
N LEU A 99 9.46 -2.88 -0.03
CA LEU A 99 10.56 -3.80 0.22
C LEU A 99 10.07 -5.21 0.54
N ARG A 100 8.96 -5.32 1.27
CA ARG A 100 8.42 -6.65 1.60
C ARG A 100 8.06 -7.38 0.30
N GLY A 101 7.54 -6.63 -0.68
CA GLY A 101 7.17 -7.24 -1.94
C GLY A 101 8.38 -7.76 -2.71
N LYS A 102 9.50 -7.07 -2.58
CA LYS A 102 10.73 -7.47 -3.25
C LYS A 102 11.20 -8.73 -2.55
N TYR A 103 11.05 -8.73 -1.23
CA TYR A 103 11.43 -9.87 -0.41
C TYR A 103 10.62 -11.10 -0.82
N VAL A 104 9.29 -10.95 -0.90
CA VAL A 104 8.41 -12.04 -1.29
C VAL A 104 8.78 -12.62 -2.66
N THR A 105 8.99 -11.75 -3.66
CA THR A 105 9.36 -12.20 -4.99
C THR A 105 10.62 -13.05 -4.92
N LEU A 106 11.63 -12.54 -4.22
CA LEU A 106 12.89 -13.24 -4.06
C LEU A 106 12.67 -14.66 -3.51
N ILE A 107 12.01 -14.72 -2.36
CA ILE A 107 11.75 -15.97 -1.67
C ILE A 107 11.00 -17.02 -2.47
N TYR A 108 9.95 -16.62 -3.17
CA TYR A 108 9.13 -17.56 -3.92
C TYR A 108 9.44 -17.81 -5.39
N THR A 109 10.21 -16.93 -6.02
CA THR A 109 10.51 -17.11 -7.44
C THR A 109 11.97 -17.10 -7.89
N ASN A 110 12.88 -16.68 -7.02
CA ASN A 110 14.29 -16.65 -7.41
C ASN A 110 15.27 -16.54 -6.24
N TYR A 111 15.13 -17.43 -5.27
CA TYR A 111 15.98 -17.43 -4.10
C TYR A 111 17.42 -17.83 -4.44
N GLU A 112 17.55 -18.89 -5.23
CA GLU A 112 18.86 -19.42 -5.62
C GLU A 112 19.76 -18.43 -6.35
N ASN A 113 19.30 -17.91 -7.47
CA ASN A 113 20.12 -16.97 -8.25
C ASN A 113 19.90 -15.50 -7.96
N GLY A 114 18.98 -15.18 -7.05
CA GLY A 114 18.72 -13.77 -6.75
C GLY A 114 19.24 -13.30 -5.41
N LYS A 115 19.47 -14.23 -4.50
CA LYS A 115 19.95 -13.89 -3.15
C LYS A 115 21.20 -13.02 -3.10
N ASN A 116 22.20 -13.35 -3.91
CA ASN A 116 23.45 -12.59 -3.95
C ASN A 116 23.16 -11.12 -4.27
N ASP A 117 22.54 -10.89 -5.42
CA ASP A 117 22.20 -9.53 -5.84
C ASP A 117 21.30 -8.82 -4.83
N TYR A 118 20.36 -9.55 -4.26
CA TYR A 118 19.41 -8.97 -3.30
C TYR A 118 20.13 -8.44 -2.06
N VAL A 119 20.98 -9.27 -1.46
CA VAL A 119 21.70 -8.84 -0.27
C VAL A 119 22.60 -7.64 -0.59
N LYS A 120 23.20 -7.64 -1.77
CA LYS A 120 24.08 -6.55 -2.19
C LYS A 120 23.33 -5.22 -2.30
N ALA A 121 22.09 -5.28 -2.77
CA ALA A 121 21.29 -4.07 -2.91
C ALA A 121 20.49 -3.70 -1.65
N LEU A 122 20.38 -4.65 -0.70
CA LEU A 122 19.62 -4.42 0.53
C LEU A 122 19.97 -3.12 1.26
N PRO A 123 21.27 -2.82 1.41
CA PRO A 123 21.68 -1.60 2.09
C PRO A 123 20.96 -0.37 1.55
N GLY A 124 20.84 -0.29 0.22
CA GLY A 124 20.17 0.82 -0.40
C GLY A 124 18.70 0.93 -0.05
N HIS A 125 18.08 -0.20 0.28
CA HIS A 125 16.66 -0.20 0.63
C HIS A 125 16.43 -0.03 2.12
N LEU A 126 17.49 -0.20 2.92
CA LEU A 126 17.38 -0.04 4.35
C LEU A 126 17.76 1.36 4.79
N LYS A 127 18.67 1.98 4.06
CA LYS A 127 19.14 3.33 4.38
C LYS A 127 18.03 4.35 4.63
N PRO A 128 16.96 4.34 3.82
CA PRO A 128 15.89 5.32 4.05
C PRO A 128 15.35 5.29 5.48
N PHE A 129 15.20 4.09 6.03
CA PHE A 129 14.68 3.90 7.39
C PHE A 129 15.70 4.36 8.44
N GLU A 130 16.99 4.22 8.13
CA GLU A 130 18.06 4.64 9.02
C GLU A 130 17.98 6.16 9.07
N THR A 131 17.76 6.75 7.91
CA THR A 131 17.66 8.20 7.78
C THR A 131 16.44 8.75 8.53
N LEU A 132 15.27 8.14 8.32
CA LEU A 132 14.06 8.59 9.01
C LEU A 132 14.30 8.60 10.51
N LEU A 133 14.99 7.56 11.01
CA LEU A 133 15.26 7.43 12.42
C LEU A 133 16.19 8.55 12.94
N SER A 134 17.26 8.82 12.21
CA SER A 134 18.21 9.85 12.61
C SER A 134 17.58 11.25 12.60
N GLN A 135 16.43 11.39 11.95
CA GLN A 135 15.76 12.68 11.91
C GLN A 135 14.66 12.74 12.98
N ASN A 136 14.48 11.66 13.72
CA ASN A 136 13.47 11.60 14.78
C ASN A 136 14.08 11.33 16.14
N GLN A 137 14.36 12.40 16.88
CA GLN A 137 14.95 12.30 18.22
C GLN A 137 16.20 11.43 18.21
N GLY A 138 17.04 11.61 17.19
CA GLY A 138 18.26 10.82 17.11
C GLY A 138 18.04 9.31 16.99
N GLY A 139 16.81 8.91 16.71
CA GLY A 139 16.51 7.51 16.56
C GLY A 139 16.33 6.77 17.88
N LYS A 140 16.14 7.50 18.97
CA LYS A 140 15.97 6.86 20.28
C LYS A 140 14.50 6.59 20.59
N ALA A 141 13.61 6.98 19.68
CA ALA A 141 12.18 6.80 19.87
C ALA A 141 11.63 5.72 18.92
N PHE A 142 10.72 6.11 18.03
CA PHE A 142 10.15 5.16 17.08
C PHE A 142 10.38 5.64 15.66
N ILE A 143 9.77 4.98 14.67
CA ILE A 143 10.00 5.39 13.29
C ILE A 143 9.36 6.75 12.99
N VAL A 144 8.25 7.05 13.66
CA VAL A 144 7.57 8.33 13.52
C VAL A 144 7.02 8.71 14.88
N GLY A 145 7.44 9.88 15.38
CA GLY A 145 6.95 10.35 16.67
C GLY A 145 7.59 9.70 17.89
N ASP A 146 6.99 9.89 19.06
CA ASP A 146 7.54 9.31 20.28
C ASP A 146 6.69 8.18 20.86
N GLN A 147 5.80 7.64 20.04
CA GLN A 147 4.95 6.53 20.47
C GLN A 147 4.83 5.48 19.36
N ILE A 148 4.77 4.22 19.79
CA ILE A 148 4.68 3.07 18.90
C ILE A 148 3.46 3.15 17.98
N SER A 149 3.64 2.86 16.70
CA SER A 149 2.53 2.90 15.74
C SER A 149 2.49 1.63 14.90
N PHE A 150 1.47 1.49 14.05
CA PHE A 150 1.35 0.30 13.22
C PHE A 150 2.57 0.15 12.32
N ALA A 151 3.12 1.27 11.87
CA ALA A 151 4.30 1.27 10.99
C ALA A 151 5.52 0.64 11.67
N ASP A 152 5.68 0.86 12.96
CA ASP A 152 6.80 0.27 13.69
C ASP A 152 6.74 -1.25 13.65
N TYR A 153 5.56 -1.79 13.91
CA TYR A 153 5.36 -3.24 13.93
C TYR A 153 5.66 -3.89 12.58
N ASN A 154 5.30 -3.19 11.50
CA ASN A 154 5.53 -3.72 10.15
C ASN A 154 7.02 -3.59 9.82
N LEU A 155 7.62 -2.45 10.19
CA LEU A 155 9.04 -2.23 9.93
C LEU A 155 9.86 -3.22 10.75
N LEU A 156 9.49 -3.40 12.02
CA LEU A 156 10.20 -4.32 12.89
C LEU A 156 10.18 -5.75 12.32
N ASP A 157 9.01 -6.22 11.90
CA ASP A 157 8.90 -7.57 11.33
C ASP A 157 9.80 -7.69 10.10
N LEU A 158 9.69 -6.72 9.21
CA LEU A 158 10.48 -6.71 7.98
C LEU A 158 11.97 -6.74 8.26
N LEU A 159 12.41 -5.98 9.26
CA LEU A 159 13.82 -5.96 9.61
C LEU A 159 14.24 -7.31 10.18
N LEU A 160 13.41 -7.89 11.05
CA LEU A 160 13.74 -9.17 11.66
C LEU A 160 13.88 -10.31 10.64
N ILE A 161 12.99 -10.37 9.66
CA ILE A 161 13.10 -11.44 8.69
C ILE A 161 14.30 -11.22 7.77
N HIS A 162 14.72 -9.97 7.61
CA HIS A 162 15.87 -9.71 6.77
C HIS A 162 17.16 -10.10 7.50
N GLN A 163 17.16 -9.99 8.83
CA GLN A 163 18.35 -10.38 9.58
C GLN A 163 18.57 -11.89 9.45
N VAL A 164 17.48 -12.62 9.21
CA VAL A 164 17.56 -14.05 9.03
C VAL A 164 18.08 -14.36 7.63
N LEU A 165 17.57 -13.62 6.64
CA LEU A 165 17.99 -13.79 5.24
C LEU A 165 19.46 -13.40 5.12
N ALA A 166 19.82 -12.28 5.71
CA ALA A 166 21.19 -11.80 5.66
C ALA A 166 21.64 -11.34 7.04
N PRO A 167 22.19 -12.26 7.84
CA PRO A 167 22.65 -11.93 9.18
C PRO A 167 23.67 -10.78 9.12
N GLY A 168 23.51 -9.81 10.02
CA GLY A 168 24.42 -8.68 10.03
C GLY A 168 24.13 -7.64 8.97
N CYS A 169 22.95 -7.68 8.36
CA CYS A 169 22.62 -6.69 7.34
C CYS A 169 22.44 -5.32 7.98
N LEU A 170 22.36 -5.29 9.31
CA LEU A 170 22.19 -4.02 10.03
C LEU A 170 23.47 -3.54 10.70
N ASP A 171 24.59 -4.21 10.43
CA ASP A 171 25.87 -3.84 11.03
C ASP A 171 26.28 -2.40 10.71
N ASN A 172 25.97 -1.96 9.49
CA ASN A 172 26.32 -0.60 9.06
C ASN A 172 25.18 0.37 9.33
N PHE A 173 24.14 -0.10 10.02
CA PHE A 173 22.99 0.74 10.34
C PHE A 173 22.76 0.67 11.85
N PRO A 174 23.58 1.40 12.63
CA PRO A 174 23.48 1.44 14.09
C PRO A 174 22.11 1.83 14.65
N LEU A 175 21.44 2.77 14.00
CA LEU A 175 20.14 3.23 14.47
C LEU A 175 19.08 2.14 14.32
N LEU A 176 19.04 1.50 13.15
CA LEU A 176 18.08 0.43 12.91
C LEU A 176 18.42 -0.73 13.84
N SER A 177 19.71 -1.01 13.97
CA SER A 177 20.19 -2.08 14.84
C SER A 177 19.69 -1.92 16.28
N ALA A 178 19.94 -0.76 16.87
CA ALA A 178 19.51 -0.47 18.25
C ALA A 178 17.99 -0.43 18.30
N TYR A 179 17.39 0.05 17.21
CA TYR A 179 15.94 0.14 17.11
C TYR A 179 15.34 -1.26 17.22
N VAL A 180 15.85 -2.20 16.44
CA VAL A 180 15.36 -3.58 16.47
C VAL A 180 15.54 -4.24 17.84
N ALA A 181 16.70 -4.01 18.46
CA ALA A 181 17.00 -4.57 19.77
C ALA A 181 16.12 -3.95 20.85
N ARG A 182 15.81 -2.67 20.67
CA ARG A 182 14.97 -1.97 21.64
C ARG A 182 13.52 -2.41 21.59
N LEU A 183 12.91 -2.42 20.41
CA LEU A 183 11.51 -2.84 20.30
C LEU A 183 11.33 -4.33 20.64
N SER A 184 12.35 -5.14 20.36
CA SER A 184 12.30 -6.57 20.66
C SER A 184 12.39 -6.79 22.17
N ALA A 185 12.93 -5.80 22.87
CA ALA A 185 13.07 -5.88 24.32
C ALA A 185 11.74 -5.61 25.02
N ARG A 186 10.82 -4.92 24.35
CA ARG A 186 9.52 -4.66 24.95
C ARG A 186 8.99 -6.02 25.45
N PRO A 187 8.63 -6.11 26.73
CA PRO A 187 8.12 -7.34 27.35
C PRO A 187 7.11 -8.17 26.55
N LYS A 188 6.01 -7.56 26.14
CA LYS A 188 5.00 -8.28 25.39
C LYS A 188 5.49 -8.76 24.03
N ILE A 189 6.48 -8.06 23.46
CA ILE A 189 7.04 -8.46 22.17
C ILE A 189 8.06 -9.58 22.38
N LYS A 190 8.88 -9.46 23.41
CA LYS A 190 9.89 -10.47 23.71
C LYS A 190 9.20 -11.80 24.00
N ALA A 191 8.05 -11.76 24.68
CA ALA A 191 7.31 -12.98 24.99
C ALA A 191 6.69 -13.54 23.71
N PHE A 192 6.23 -12.64 22.84
CA PHE A 192 5.63 -13.04 21.57
C PHE A 192 6.66 -13.78 20.71
N LEU A 193 7.81 -13.15 20.50
CA LEU A 193 8.85 -13.75 19.68
C LEU A 193 9.40 -15.07 20.26
N SER A 194 9.06 -15.37 21.50
CA SER A 194 9.54 -16.58 22.16
C SER A 194 8.42 -17.61 22.31
N SER A 195 7.20 -17.22 21.99
CA SER A 195 6.06 -18.12 22.11
C SER A 195 6.13 -19.24 21.07
N PRO A 196 5.64 -20.44 21.43
CA PRO A 196 5.68 -21.56 20.50
C PRO A 196 4.87 -21.33 19.22
N GLU A 197 3.77 -20.59 19.33
CA GLU A 197 2.93 -20.30 18.16
C GLU A 197 3.76 -19.54 17.12
N HIS A 198 4.63 -18.65 17.59
CA HIS A 198 5.49 -17.86 16.70
C HIS A 198 6.71 -18.64 16.25
N VAL A 199 7.45 -19.17 17.22
CA VAL A 199 8.65 -19.94 16.94
C VAL A 199 8.39 -21.13 16.02
N ASN A 200 7.32 -21.88 16.29
CA ASN A 200 6.99 -23.05 15.47
C ASN A 200 6.55 -22.74 14.05
N ARG A 201 5.98 -21.57 13.86
CA ARG A 201 5.52 -21.17 12.54
C ARG A 201 6.68 -20.68 11.68
N PRO A 202 6.83 -21.23 10.45
CA PRO A 202 7.91 -20.84 9.55
C PRO A 202 7.68 -19.42 8.98
N ILE A 203 8.77 -18.74 8.62
CA ILE A 203 8.65 -17.37 8.07
C ILE A 203 7.77 -17.36 6.83
N ASN A 204 8.10 -18.24 5.87
CA ASN A 204 7.38 -18.31 4.62
C ASN A 204 6.78 -19.69 4.39
N GLY A 205 6.29 -19.92 3.16
CA GLY A 205 5.68 -21.20 2.86
C GLY A 205 6.45 -22.23 2.05
N ASN A 206 7.59 -21.85 1.50
CA ASN A 206 8.39 -22.78 0.71
C ASN A 206 9.62 -23.29 1.46
N GLY A 207 9.70 -22.99 2.75
CA GLY A 207 10.82 -23.44 3.55
C GLY A 207 12.07 -22.58 3.40
N LYS A 208 11.98 -21.51 2.62
CA LYS A 208 13.10 -20.63 2.41
C LYS A 208 13.00 -19.39 3.29
N GLN A 209 14.16 -18.84 3.64
CA GLN A 209 14.25 -17.65 4.49
C GLN A 209 15.68 -17.10 4.48
N PRO B 1 -1.16 23.53 2.98
CA PRO B 1 -0.94 24.16 1.67
C PRO B 1 0.18 25.22 1.73
N PRO B 2 0.63 25.71 0.56
CA PRO B 2 0.15 25.38 -0.78
C PRO B 2 0.62 23.98 -1.20
N TYR B 3 0.09 23.49 -2.32
CA TYR B 3 0.46 22.16 -2.79
C TYR B 3 1.40 22.20 -3.99
N THR B 4 2.45 21.40 -3.93
CA THR B 4 3.39 21.30 -5.03
C THR B 4 3.63 19.82 -5.34
N ILE B 5 3.53 19.47 -6.62
CA ILE B 5 3.74 18.11 -7.06
C ILE B 5 5.01 18.03 -7.92
N VAL B 6 5.95 17.20 -7.48
CA VAL B 6 7.22 17.00 -8.19
C VAL B 6 7.13 15.60 -8.83
N TYR B 7 7.08 15.53 -10.15
CA TYR B 7 6.96 14.25 -10.83
C TYR B 7 7.38 14.40 -12.29
N PHE B 8 7.55 13.26 -12.96
CA PHE B 8 7.94 13.25 -14.37
C PHE B 8 6.75 13.72 -15.20
N PRO B 9 6.98 14.11 -16.47
CA PRO B 9 5.92 14.59 -17.36
C PRO B 9 4.94 13.52 -17.83
N VAL B 10 4.28 12.86 -16.88
CA VAL B 10 3.31 11.82 -17.20
C VAL B 10 2.21 11.79 -16.16
N ARG B 11 1.18 10.99 -16.41
CA ARG B 11 0.08 10.86 -15.49
C ARG B 11 0.46 9.88 -14.39
N GLY B 12 0.81 8.65 -14.80
CA GLY B 12 1.22 7.63 -13.86
C GLY B 12 0.51 7.66 -12.51
N ARG B 13 1.31 7.69 -11.45
CA ARG B 13 0.80 7.71 -10.07
C ARG B 13 0.53 9.08 -9.48
N ALA B 14 0.46 10.09 -10.34
CA ALA B 14 0.20 11.46 -9.88
C ALA B 14 -1.15 11.92 -10.39
N GLU B 15 -1.66 11.24 -11.40
CA GLU B 15 -2.92 11.66 -11.98
C GLU B 15 -4.13 11.54 -11.03
N ALA B 16 -4.20 10.49 -10.22
CA ALA B 16 -5.34 10.36 -9.29
C ALA B 16 -5.36 11.49 -8.26
N MET B 17 -4.18 11.88 -7.76
CA MET B 17 -4.13 12.96 -6.77
C MET B 17 -4.45 14.31 -7.41
N ARG B 18 -4.00 14.50 -8.65
CA ARG B 18 -4.29 15.74 -9.37
C ARG B 18 -5.80 15.87 -9.55
N MET B 19 -6.43 14.74 -9.89
CA MET B 19 -7.87 14.70 -10.11
C MET B 19 -8.59 15.07 -8.81
N LEU B 20 -8.11 14.50 -7.71
CA LEU B 20 -8.67 14.74 -6.39
C LEU B 20 -8.58 16.23 -6.06
N LEU B 21 -7.39 16.82 -6.26
CA LEU B 21 -7.20 18.23 -5.97
C LEU B 21 -8.13 19.11 -6.80
N ALA B 22 -8.29 18.78 -8.08
CA ALA B 22 -9.14 19.56 -8.97
C ALA B 22 -10.61 19.48 -8.55
N ASP B 23 -11.08 18.27 -8.30
CA ASP B 23 -12.46 18.04 -7.91
C ASP B 23 -12.76 18.74 -6.59
N GLN B 24 -11.73 18.92 -5.79
CA GLN B 24 -11.89 19.57 -4.50
C GLN B 24 -11.65 21.07 -4.56
N GLY B 25 -11.62 21.62 -5.77
CA GLY B 25 -11.41 23.04 -5.97
C GLY B 25 -10.10 23.56 -5.43
N GLN B 26 -9.08 22.70 -5.49
CA GLN B 26 -7.76 23.04 -4.99
C GLN B 26 -6.81 23.45 -6.10
N SER B 27 -5.84 24.29 -5.76
CA SER B 27 -4.85 24.71 -6.74
C SER B 27 -3.49 24.14 -6.32
N TRP B 28 -2.66 23.85 -7.31
CA TRP B 28 -1.34 23.29 -7.02
C TRP B 28 -0.33 23.65 -8.08
N LYS B 29 0.94 23.55 -7.72
CA LYS B 29 2.04 23.85 -8.62
C LYS B 29 2.66 22.57 -9.15
N GLU B 30 2.98 22.56 -10.44
CA GLU B 30 3.58 21.39 -11.07
C GLU B 30 5.07 21.61 -11.29
N GLU B 31 5.90 20.83 -10.60
CA GLU B 31 7.33 20.92 -10.79
C GLU B 31 7.67 19.71 -11.65
N VAL B 32 7.79 19.94 -12.96
CA VAL B 32 8.09 18.88 -13.89
C VAL B 32 9.57 18.50 -13.82
N VAL B 33 9.82 17.20 -13.77
CA VAL B 33 11.18 16.68 -13.74
C VAL B 33 11.31 15.78 -14.95
N THR B 34 12.13 16.20 -15.91
CA THR B 34 12.32 15.41 -17.12
C THR B 34 13.20 14.20 -16.84
N ILE B 35 13.08 13.20 -17.70
CA ILE B 35 13.88 11.99 -17.56
C ILE B 35 15.35 12.31 -17.70
N ASP B 36 15.66 13.25 -18.59
CA ASP B 36 17.03 13.66 -18.83
C ASP B 36 17.65 14.24 -17.56
N THR B 37 16.91 15.13 -16.90
CA THR B 37 17.39 15.74 -15.66
C THR B 37 17.56 14.65 -14.61
N TRP B 38 16.58 13.75 -14.55
CA TRP B 38 16.62 12.67 -13.59
C TRP B 38 17.84 11.76 -13.81
N MET B 39 18.14 11.45 -15.06
CA MET B 39 19.27 10.58 -15.37
C MET B 39 20.63 11.19 -15.01
N GLN B 40 20.63 12.47 -14.62
CA GLN B 40 21.85 13.14 -14.21
C GLN B 40 22.19 12.74 -12.78
N GLY B 41 21.18 12.23 -12.07
CA GLY B 41 21.37 11.76 -10.71
C GLY B 41 21.52 12.79 -9.60
N LEU B 42 21.03 14.01 -9.82
CA LEU B 42 21.15 15.05 -8.80
C LEU B 42 20.01 14.98 -7.78
N LEU B 43 18.79 14.93 -8.29
CA LEU B 43 17.60 14.87 -7.42
C LEU B 43 17.33 13.52 -6.79
N LYS B 44 17.47 12.44 -7.56
CA LYS B 44 17.21 11.09 -7.07
C LYS B 44 17.72 10.81 -5.65
N PRO B 45 18.99 11.16 -5.34
CA PRO B 45 19.55 10.93 -4.01
C PRO B 45 18.83 11.64 -2.86
N THR B 46 18.21 12.78 -3.16
CA THR B 46 17.47 13.58 -2.17
C THR B 46 16.06 13.06 -1.90
N CYS B 47 15.61 12.11 -2.69
CA CYS B 47 14.29 11.53 -2.51
C CYS B 47 14.36 10.36 -1.50
N LEU B 48 13.47 10.38 -0.51
CA LEU B 48 13.45 9.36 0.55
C LEU B 48 13.68 7.94 0.06
N TYR B 49 12.91 7.52 -0.93
CA TYR B 49 13.01 6.18 -1.47
C TYR B 49 13.64 6.22 -2.85
N GLY B 50 14.27 7.34 -3.19
CA GLY B 50 14.91 7.49 -4.48
C GLY B 50 13.93 7.54 -5.64
N GLN B 51 12.66 7.84 -5.35
CA GLN B 51 11.64 7.91 -6.39
C GLN B 51 10.64 9.06 -6.24
N LEU B 52 9.92 9.31 -7.34
CA LEU B 52 8.88 10.34 -7.40
C LEU B 52 7.58 9.55 -7.58
N PRO B 53 6.40 10.17 -7.36
CA PRO B 53 6.18 11.56 -6.95
C PRO B 53 6.58 11.98 -5.54
N LYS B 54 6.86 13.27 -5.42
CA LYS B 54 7.24 13.93 -4.18
C LYS B 54 6.17 15.00 -4.00
N PHE B 55 5.59 15.07 -2.81
CA PHE B 55 4.53 16.03 -2.56
C PHE B 55 4.91 17.05 -1.49
N GLU B 56 4.46 18.28 -1.69
CA GLU B 56 4.71 19.33 -0.73
C GLU B 56 3.42 19.97 -0.29
N ASP B 57 3.19 19.95 1.02
CA ASP B 57 2.00 20.54 1.62
C ASP B 57 2.52 21.44 2.73
N GLY B 58 2.72 22.71 2.40
CA GLY B 58 3.24 23.64 3.40
C GLY B 58 4.64 23.22 3.81
N ASP B 59 4.87 23.07 5.12
CA ASP B 59 6.19 22.67 5.61
C ASP B 59 6.34 21.15 5.59
N LEU B 60 5.33 20.45 5.07
CA LEU B 60 5.33 18.99 5.00
C LEU B 60 5.72 18.47 3.62
N THR B 61 6.76 17.64 3.59
CA THR B 61 7.23 17.03 2.35
C THR B 61 6.93 15.54 2.46
N LEU B 62 6.26 15.00 1.44
CA LEU B 62 5.89 13.59 1.41
C LEU B 62 6.31 12.84 0.13
N TYR B 63 6.35 11.51 0.24
CA TYR B 63 6.68 10.59 -0.84
C TYR B 63 5.66 9.44 -0.76
N GLN B 64 5.66 8.55 -1.76
CA GLN B 64 4.73 7.42 -1.82
C GLN B 64 3.36 7.93 -2.18
N SER B 65 2.96 7.64 -3.42
CA SER B 65 1.70 8.10 -3.97
C SER B 65 0.45 7.79 -3.14
N ASN B 66 0.40 6.64 -2.47
CA ASN B 66 -0.77 6.27 -1.66
C ASN B 66 -0.76 7.01 -0.32
N ALA B 67 0.42 7.37 0.17
CA ALA B 67 0.50 8.10 1.43
C ALA B 67 -0.05 9.49 1.13
N ILE B 68 0.31 10.00 -0.05
CA ILE B 68 -0.15 11.30 -0.49
C ILE B 68 -1.68 11.35 -0.65
N LEU B 69 -2.25 10.33 -1.31
CA LEU B 69 -3.69 10.27 -1.49
C LEU B 69 -4.40 10.23 -0.13
N ARG B 70 -3.87 9.42 0.78
CA ARG B 70 -4.44 9.29 2.12
C ARG B 70 -4.31 10.58 2.91
N HIS B 71 -3.22 11.30 2.69
CA HIS B 71 -3.00 12.55 3.41
C HIS B 71 -4.02 13.58 2.94
N LEU B 72 -4.33 13.54 1.65
CA LEU B 72 -5.30 14.47 1.11
C LEU B 72 -6.69 14.02 1.53
N GLY B 73 -6.95 12.71 1.47
CA GLY B 73 -8.25 12.21 1.88
C GLY B 73 -8.56 12.64 3.30
N ARG B 74 -7.55 12.58 4.16
CA ARG B 74 -7.70 12.94 5.57
C ARG B 74 -7.80 14.44 5.83
N SER B 75 -6.92 15.23 5.21
CA SER B 75 -6.95 16.68 5.43
C SER B 75 -8.07 17.38 4.67
N LEU B 76 -8.85 16.62 3.89
CA LEU B 76 -9.95 17.21 3.12
C LEU B 76 -11.32 16.53 3.38
N GLY B 77 -11.39 15.72 4.44
CA GLY B 77 -12.62 15.04 4.79
C GLY B 77 -13.12 14.04 3.76
N LEU B 78 -12.19 13.37 3.10
CA LEU B 78 -12.50 12.38 2.08
C LEU B 78 -12.02 11.00 2.51
N TYR B 79 -12.28 10.65 3.76
CA TYR B 79 -11.85 9.37 4.30
C TYR B 79 -12.98 8.67 5.08
N GLY B 80 -14.21 8.77 4.60
CA GLY B 80 -15.31 8.11 5.28
C GLY B 80 -15.91 8.92 6.43
N LYS B 81 -16.99 8.40 6.99
CA LYS B 81 -17.70 9.07 8.09
C LYS B 81 -17.42 8.46 9.45
N ASN B 82 -16.76 7.31 9.47
CA ASN B 82 -16.41 6.66 10.74
C ASN B 82 -15.25 5.71 10.50
N GLN B 83 -14.67 5.20 11.59
CA GLN B 83 -13.53 4.31 11.48
C GLN B 83 -13.78 3.08 10.62
N ARG B 84 -15.02 2.60 10.61
CA ARG B 84 -15.36 1.44 9.82
C ARG B 84 -15.19 1.74 8.32
N GLU B 85 -15.68 2.88 7.87
CA GLU B 85 -15.55 3.25 6.46
C GLU B 85 -14.10 3.51 6.07
N ALA B 86 -13.30 3.98 7.03
CA ALA B 86 -11.89 4.25 6.75
C ALA B 86 -11.18 2.92 6.43
N ALA B 87 -11.50 1.89 7.20
CA ALA B 87 -10.88 0.58 7.00
C ALA B 87 -11.28 -0.04 5.67
N GLN B 88 -12.56 0.09 5.31
CA GLN B 88 -13.05 -0.45 4.05
C GLN B 88 -12.42 0.32 2.89
N MET B 89 -12.23 1.62 3.08
CA MET B 89 -11.60 2.46 2.07
C MET B 89 -10.15 2.05 1.88
N ASP B 90 -9.47 1.65 2.95
CA ASP B 90 -8.09 1.22 2.83
C ASP B 90 -8.05 -0.11 2.10
N MET B 91 -8.99 -1.00 2.44
CA MET B 91 -9.09 -2.30 1.81
C MET B 91 -9.29 -2.14 0.30
N VAL B 92 -10.07 -1.14 -0.11
CA VAL B 92 -10.31 -0.88 -1.54
C VAL B 92 -9.05 -0.34 -2.22
N ASN B 93 -8.42 0.67 -1.61
CA ASN B 93 -7.22 1.27 -2.19
C ASN B 93 -6.06 0.29 -2.33
N ASP B 94 -5.90 -0.59 -1.35
CA ASP B 94 -4.83 -1.58 -1.41
C ASP B 94 -5.09 -2.50 -2.60
N GLY B 95 -6.36 -2.70 -2.91
CA GLY B 95 -6.72 -3.53 -4.04
C GLY B 95 -6.47 -2.80 -5.34
N VAL B 96 -6.75 -1.49 -5.36
CA VAL B 96 -6.51 -0.69 -6.55
C VAL B 96 -5.00 -0.68 -6.78
N GLU B 97 -4.23 -0.58 -5.70
CA GLU B 97 -2.77 -0.56 -5.79
C GLU B 97 -2.18 -1.86 -6.35
N ASP B 98 -2.66 -3.02 -5.85
CA ASP B 98 -2.16 -4.31 -6.33
C ASP B 98 -2.36 -4.42 -7.85
N LEU B 99 -3.52 -3.98 -8.33
CA LEU B 99 -3.78 -4.05 -9.75
C LEU B 99 -2.93 -3.02 -10.49
N ARG B 100 -2.80 -1.82 -9.91
CA ARG B 100 -1.99 -0.79 -10.56
C ARG B 100 -0.57 -1.31 -10.72
N GLY B 101 -0.09 -2.02 -9.69
CA GLY B 101 1.25 -2.57 -9.72
C GLY B 101 1.45 -3.55 -10.87
N LYS B 102 0.45 -4.38 -11.12
CA LYS B 102 0.51 -5.34 -12.21
C LYS B 102 0.45 -4.60 -13.54
N TYR B 103 -0.32 -3.53 -13.56
CA TYR B 103 -0.46 -2.71 -14.75
C TYR B 103 0.92 -2.16 -15.17
N VAL B 104 1.58 -1.50 -14.23
CA VAL B 104 2.90 -0.92 -14.45
C VAL B 104 3.89 -1.97 -14.98
N THR B 105 3.93 -3.14 -14.34
CA THR B 105 4.81 -4.22 -14.75
C THR B 105 4.59 -4.55 -16.24
N LEU B 106 3.33 -4.72 -16.62
CA LEU B 106 2.99 -5.04 -18.01
C LEU B 106 3.44 -3.92 -18.95
N ILE B 107 3.10 -2.70 -18.61
CA ILE B 107 3.43 -1.53 -19.42
C ILE B 107 4.93 -1.34 -19.63
N TYR B 108 5.70 -1.42 -18.55
CA TYR B 108 7.14 -1.17 -18.64
C TYR B 108 8.08 -2.31 -18.96
N THR B 109 7.69 -3.55 -18.69
CA THR B 109 8.59 -4.68 -18.93
C THR B 109 8.08 -5.85 -19.75
N ASN B 110 6.83 -5.82 -20.20
CA ASN B 110 6.33 -6.98 -20.94
C ASN B 110 5.02 -6.73 -21.67
N TYR B 111 4.89 -5.56 -22.29
CA TYR B 111 3.68 -5.17 -22.98
C TYR B 111 3.31 -6.05 -24.17
N GLU B 112 4.23 -6.17 -25.11
CA GLU B 112 4.02 -6.95 -26.33
C GLU B 112 3.64 -8.40 -26.06
N ASN B 113 4.45 -9.09 -25.28
CA ASN B 113 4.21 -10.51 -25.00
C ASN B 113 3.27 -10.82 -23.83
N GLY B 114 3.02 -9.83 -22.98
CA GLY B 114 2.15 -10.07 -21.83
C GLY B 114 0.76 -9.45 -21.86
N LYS B 115 0.48 -8.59 -22.85
CA LYS B 115 -0.82 -7.92 -22.92
C LYS B 115 -2.01 -8.88 -23.05
N ASN B 116 -1.87 -9.91 -23.88
CA ASN B 116 -2.97 -10.84 -24.06
C ASN B 116 -3.33 -11.61 -22.79
N ASP B 117 -2.32 -12.09 -22.07
CA ASP B 117 -2.59 -12.81 -20.83
C ASP B 117 -3.15 -11.87 -19.76
N TYR B 118 -2.71 -10.61 -19.81
CA TYR B 118 -3.15 -9.60 -18.84
C TYR B 118 -4.64 -9.34 -19.01
N VAL B 119 -5.05 -9.01 -20.23
CA VAL B 119 -6.45 -8.73 -20.52
C VAL B 119 -7.31 -9.95 -20.21
N LYS B 120 -6.75 -11.14 -20.39
CA LYS B 120 -7.50 -12.36 -20.11
C LYS B 120 -7.78 -12.45 -18.61
N ALA B 121 -6.75 -12.18 -17.81
CA ALA B 121 -6.86 -12.22 -16.36
C ALA B 121 -7.58 -11.00 -15.77
N LEU B 122 -7.71 -9.93 -16.55
CA LEU B 122 -8.32 -8.69 -16.09
C LEU B 122 -9.70 -8.77 -15.43
N PRO B 123 -10.64 -9.52 -16.04
CA PRO B 123 -11.99 -9.65 -15.46
C PRO B 123 -11.97 -10.14 -14.03
N GLY B 124 -11.08 -11.09 -13.73
CA GLY B 124 -10.99 -11.61 -12.38
C GLY B 124 -10.54 -10.54 -11.39
N HIS B 125 -9.77 -9.57 -11.86
CA HIS B 125 -9.29 -8.51 -10.99
C HIS B 125 -10.25 -7.33 -10.86
N LEU B 126 -11.21 -7.26 -11.78
CA LEU B 126 -12.20 -6.18 -11.77
C LEU B 126 -13.45 -6.55 -10.97
N LYS B 127 -13.83 -7.82 -11.04
CA LYS B 127 -15.00 -8.31 -10.37
C LYS B 127 -15.12 -7.93 -8.89
N PRO B 128 -14.00 -7.92 -8.16
CA PRO B 128 -14.07 -7.55 -6.74
C PRO B 128 -14.67 -6.16 -6.54
N PHE B 129 -14.29 -5.22 -7.41
CA PHE B 129 -14.80 -3.85 -7.31
C PHE B 129 -16.27 -3.81 -7.74
N GLU B 130 -16.61 -4.65 -8.73
CA GLU B 130 -17.99 -4.74 -9.19
C GLU B 130 -18.85 -5.25 -8.03
N THR B 131 -18.33 -6.23 -7.31
CA THR B 131 -19.05 -6.82 -6.19
C THR B 131 -19.25 -5.81 -5.07
N LEU B 132 -18.21 -5.05 -4.75
CA LEU B 132 -18.29 -4.04 -3.70
C LEU B 132 -19.39 -3.04 -4.03
N LEU B 133 -19.43 -2.62 -5.29
CA LEU B 133 -20.44 -1.65 -5.70
C LEU B 133 -21.85 -2.19 -5.55
N SER B 134 -22.03 -3.46 -5.89
CA SER B 134 -23.35 -4.07 -5.80
C SER B 134 -23.84 -4.16 -4.35
N GLN B 135 -22.91 -4.18 -3.41
CA GLN B 135 -23.29 -4.29 -2.00
C GLN B 135 -23.41 -2.93 -1.29
N ASN B 136 -23.27 -1.85 -2.05
CA ASN B 136 -23.37 -0.50 -1.50
C ASN B 136 -24.41 0.30 -2.29
N GLN B 137 -25.67 0.25 -1.83
CA GLN B 137 -26.75 0.99 -2.49
C GLN B 137 -26.89 0.63 -3.97
N GLY B 138 -26.88 -0.67 -4.28
CA GLY B 138 -27.03 -1.11 -5.66
C GLY B 138 -26.07 -0.45 -6.64
N GLY B 139 -24.90 -0.04 -6.14
CA GLY B 139 -23.92 0.59 -6.98
C GLY B 139 -24.25 2.00 -7.44
N LYS B 140 -25.15 2.66 -6.71
CA LYS B 140 -25.57 4.01 -7.06
C LYS B 140 -24.86 5.12 -6.27
N ALA B 141 -23.88 4.74 -5.46
CA ALA B 141 -23.14 5.70 -4.66
C ALA B 141 -21.67 5.70 -5.05
N PHE B 142 -20.79 5.48 -4.08
CA PHE B 142 -19.36 5.44 -4.35
C PHE B 142 -18.81 4.07 -4.00
N ILE B 143 -17.50 3.90 -4.09
CA ILE B 143 -16.89 2.61 -3.80
C ILE B 143 -17.16 2.17 -2.35
N VAL B 144 -17.10 3.12 -1.42
CA VAL B 144 -17.38 2.88 0.01
C VAL B 144 -18.21 4.07 0.50
N GLY B 145 -19.38 3.79 1.05
CA GLY B 145 -20.22 4.86 1.56
C GLY B 145 -20.99 5.63 0.51
N ASP B 146 -21.51 6.80 0.89
CA ASP B 146 -22.27 7.61 -0.04
C ASP B 146 -21.61 8.95 -0.30
N GLN B 147 -20.34 9.08 0.09
CA GLN B 147 -19.57 10.30 -0.11
C GLN B 147 -18.27 9.92 -0.81
N ILE B 148 -17.84 10.74 -1.76
CA ILE B 148 -16.61 10.45 -2.48
C ILE B 148 -15.44 10.43 -1.49
N SER B 149 -14.40 9.66 -1.80
CA SER B 149 -13.24 9.58 -0.92
C SER B 149 -11.98 9.42 -1.76
N PHE B 150 -10.81 9.44 -1.11
CA PHE B 150 -9.55 9.31 -1.84
C PHE B 150 -9.51 8.01 -2.66
N ALA B 151 -10.14 6.95 -2.15
CA ALA B 151 -10.18 5.67 -2.84
C ALA B 151 -10.85 5.78 -4.20
N ASP B 152 -11.98 6.50 -4.24
CA ASP B 152 -12.72 6.70 -5.49
C ASP B 152 -11.84 7.27 -6.61
N TYR B 153 -11.02 8.27 -6.29
CA TYR B 153 -10.15 8.91 -7.28
C TYR B 153 -9.09 7.96 -7.83
N ASN B 154 -8.55 7.13 -6.94
CA ASN B 154 -7.52 6.18 -7.34
C ASN B 154 -8.23 5.11 -8.20
N LEU B 155 -9.32 4.55 -7.69
CA LEU B 155 -10.05 3.53 -8.45
C LEU B 155 -10.44 4.06 -9.83
N LEU B 156 -11.04 5.26 -9.85
CA LEU B 156 -11.46 5.89 -11.09
C LEU B 156 -10.30 6.00 -12.09
N ASP B 157 -9.16 6.50 -11.63
CA ASP B 157 -8.00 6.65 -12.51
C ASP B 157 -7.59 5.30 -13.11
N LEU B 158 -7.49 4.28 -12.26
CA LEU B 158 -7.10 2.94 -12.69
C LEU B 158 -8.09 2.39 -13.72
N LEU B 159 -9.38 2.56 -13.48
CA LEU B 159 -10.38 2.08 -14.42
C LEU B 159 -10.25 2.82 -15.74
N LEU B 160 -10.08 4.14 -15.67
CA LEU B 160 -9.95 4.93 -16.89
C LEU B 160 -8.77 4.51 -17.78
N ILE B 161 -7.63 4.19 -17.18
CA ILE B 161 -6.49 3.77 -17.98
C ILE B 161 -6.64 2.34 -18.51
N HIS B 162 -7.40 1.50 -17.80
CA HIS B 162 -7.58 0.15 -18.27
C HIS B 162 -8.51 0.14 -19.48
N GLN B 163 -9.42 1.11 -19.55
CA GLN B 163 -10.32 1.20 -20.69
C GLN B 163 -9.50 1.61 -21.92
N VAL B 164 -8.38 2.29 -21.67
CA VAL B 164 -7.51 2.69 -22.77
C VAL B 164 -6.69 1.46 -23.17
N LEU B 165 -6.21 0.74 -22.17
CA LEU B 165 -5.44 -0.48 -22.40
C LEU B 165 -6.29 -1.52 -23.10
N ALA B 166 -7.49 -1.74 -22.58
CA ALA B 166 -8.39 -2.74 -23.12
C ALA B 166 -9.80 -2.20 -23.29
N PRO B 167 -10.11 -1.64 -24.47
CA PRO B 167 -11.45 -1.11 -24.69
C PRO B 167 -12.52 -2.18 -24.46
N GLY B 168 -13.58 -1.79 -23.77
CA GLY B 168 -14.66 -2.72 -23.48
C GLY B 168 -14.42 -3.64 -22.29
N CYS B 169 -13.31 -3.46 -21.58
CA CYS B 169 -13.00 -4.33 -20.45
C CYS B 169 -14.05 -4.21 -19.34
N LEU B 170 -14.86 -3.16 -19.39
CA LEU B 170 -15.90 -2.97 -18.40
C LEU B 170 -17.29 -3.28 -18.96
N ASP B 171 -17.35 -3.77 -20.19
CA ASP B 171 -18.63 -4.12 -20.82
C ASP B 171 -19.42 -5.13 -20.00
N ASN B 172 -18.72 -6.10 -19.41
CA ASN B 172 -19.35 -7.15 -18.60
C ASN B 172 -19.50 -6.76 -17.12
N PHE B 173 -19.26 -5.48 -16.84
CA PHE B 173 -19.36 -4.92 -15.48
C PHE B 173 -20.17 -3.61 -15.51
N PRO B 174 -21.50 -3.72 -15.64
CA PRO B 174 -22.34 -2.51 -15.69
C PRO B 174 -22.14 -1.52 -14.55
N LEU B 175 -22.03 -2.04 -13.32
CA LEU B 175 -21.83 -1.15 -12.17
C LEU B 175 -20.55 -0.33 -12.30
N LEU B 176 -19.45 -0.98 -12.70
CA LEU B 176 -18.19 -0.27 -12.88
C LEU B 176 -18.28 0.74 -14.03
N SER B 177 -18.96 0.36 -15.11
CA SER B 177 -19.15 1.23 -16.26
C SER B 177 -19.94 2.49 -15.90
N ALA B 178 -21.06 2.30 -15.21
CA ALA B 178 -21.90 3.42 -14.80
C ALA B 178 -21.13 4.28 -13.80
N TYR B 179 -20.40 3.63 -12.90
CA TYR B 179 -19.59 4.30 -11.88
C TYR B 179 -18.61 5.26 -12.55
N VAL B 180 -17.88 4.76 -13.54
CA VAL B 180 -16.92 5.58 -14.26
C VAL B 180 -17.62 6.77 -14.94
N ALA B 181 -18.72 6.51 -15.63
CA ALA B 181 -19.44 7.59 -16.33
C ALA B 181 -19.96 8.63 -15.34
N ARG B 182 -20.47 8.16 -14.21
CA ARG B 182 -21.01 9.03 -13.19
C ARG B 182 -19.94 9.94 -12.59
N LEU B 183 -18.89 9.37 -12.01
CA LEU B 183 -17.84 10.20 -11.43
C LEU B 183 -17.16 11.07 -12.50
N SER B 184 -17.05 10.58 -13.73
CA SER B 184 -16.42 11.35 -14.81
C SER B 184 -17.29 12.54 -15.19
N ALA B 185 -18.59 12.41 -14.92
CA ALA B 185 -19.54 13.47 -15.24
C ALA B 185 -19.46 14.61 -14.22
N ARG B 186 -18.81 14.37 -13.08
CA ARG B 186 -18.67 15.43 -12.09
C ARG B 186 -17.99 16.59 -12.82
N PRO B 187 -18.67 17.76 -12.87
CA PRO B 187 -18.14 18.95 -13.55
C PRO B 187 -16.66 19.24 -13.42
N LYS B 188 -16.14 19.31 -12.20
CA LYS B 188 -14.72 19.60 -11.99
C LYS B 188 -13.81 18.47 -12.49
N ILE B 189 -14.32 17.24 -12.49
CA ILE B 189 -13.51 16.12 -12.97
C ILE B 189 -13.59 16.11 -14.50
N LYS B 190 -14.77 16.43 -15.04
CA LYS B 190 -14.95 16.47 -16.48
C LYS B 190 -14.07 17.56 -17.09
N ALA B 191 -13.92 18.67 -16.37
CA ALA B 191 -13.09 19.78 -16.83
C ALA B 191 -11.62 19.39 -16.79
N PHE B 192 -11.25 18.62 -15.77
CA PHE B 192 -9.88 18.17 -15.61
C PHE B 192 -9.51 17.18 -16.71
N LEU B 193 -10.38 16.21 -16.95
CA LEU B 193 -10.12 15.20 -17.96
C LEU B 193 -10.00 15.75 -19.39
N SER B 194 -10.56 16.93 -19.64
CA SER B 194 -10.48 17.54 -20.96
C SER B 194 -9.57 18.78 -20.96
N SER B 195 -8.85 19.00 -19.87
CA SER B 195 -7.96 20.14 -19.77
C SER B 195 -6.66 19.82 -20.51
N PRO B 196 -6.01 20.85 -21.08
CA PRO B 196 -4.76 20.64 -21.82
C PRO B 196 -3.64 20.02 -20.98
N GLU B 197 -3.59 20.38 -19.70
CA GLU B 197 -2.58 19.83 -18.80
C GLU B 197 -2.70 18.31 -18.75
N HIS B 198 -3.93 17.81 -18.75
CA HIS B 198 -4.19 16.36 -18.69
C HIS B 198 -4.00 15.69 -20.05
N VAL B 199 -4.77 16.12 -21.04
CA VAL B 199 -4.70 15.54 -22.38
C VAL B 199 -3.27 15.47 -22.93
N ASN B 200 -2.61 16.63 -22.98
CA ASN B 200 -1.25 16.73 -23.49
C ASN B 200 -0.24 15.93 -22.69
N ARG B 201 -0.70 15.30 -21.61
CA ARG B 201 0.18 14.51 -20.75
C ARG B 201 -0.06 13.02 -20.98
N PRO B 202 1.00 12.28 -21.36
CA PRO B 202 0.90 10.84 -21.62
C PRO B 202 0.61 10.00 -20.36
N ILE B 203 -0.08 8.88 -20.54
CA ILE B 203 -0.41 8.03 -19.40
C ILE B 203 0.84 7.54 -18.69
N ASN B 204 1.77 6.99 -19.47
CA ASN B 204 3.02 6.44 -18.93
C ASN B 204 4.25 7.06 -19.57
N GLY B 205 5.43 6.51 -19.27
CA GLY B 205 6.65 7.07 -19.81
C GLY B 205 7.37 6.36 -20.93
N ASN B 206 6.96 5.14 -21.25
CA ASN B 206 7.59 4.38 -22.32
C ASN B 206 6.76 4.47 -23.59
N GLY B 207 5.86 5.45 -23.62
CA GLY B 207 5.00 5.67 -24.76
C GLY B 207 3.94 4.60 -25.00
N LYS B 208 3.72 3.73 -24.02
CA LYS B 208 2.75 2.65 -24.16
C LYS B 208 1.51 2.81 -23.26
N GLN B 209 0.36 2.37 -23.78
CA GLN B 209 -0.90 2.47 -23.05
C GLN B 209 -1.91 1.43 -23.55
N1 GTX C . -2.76 -9.19 1.45
CA1 GTX C . -1.49 -9.12 0.71
C1 GTX C . -1.42 -7.83 -0.07
O11 GTX C . -2.19 -7.62 -0.99
O12 GTX C . -0.48 -6.91 0.26
CB1 GTX C . -1.34 -10.31 -0.28
CG1 GTX C . -1.44 -11.66 0.46
CD1 GTX C . -1.28 -12.84 -0.47
OE1 GTX C . -1.07 -12.65 -1.66
N2 GTX C . -1.36 -14.12 0.02
CA2 GTX C . -1.22 -15.29 -0.88
C2 GTX C . -2.59 -15.70 -1.41
O2 GTX C . -3.60 -15.43 -0.77
CB2 GTX C . -0.72 -16.54 -0.18
SG2 GTX C . 0.90 -16.47 0.62
C1S GTX C . 0.72 -18.22 1.08
C2S GTX C . 1.86 -18.86 1.86
C3S GTX C . 1.41 -20.32 2.07
C4S GTX C . 2.44 -21.12 2.84
C5S GTX C . 1.94 -22.56 3.03
C6S GTX C . 2.99 -23.38 3.81
N3 GTX C . -2.68 -16.39 -2.59
CA3 GTX C . -3.99 -16.81 -3.12
C3 GTX C . -3.82 -17.54 -4.41
O31 GTX C . -2.71 -17.71 -4.87
O32 GTX C . -4.89 -18.01 -5.06
N1 GTX D . 5.33 6.41 -5.39
CA1 GTX D . 5.09 5.12 -6.05
C1 GTX D . 4.86 4.08 -4.99
O11 GTX D . 5.79 3.41 -4.57
O12 GTX D . 3.61 3.91 -4.51
CB1 GTX D . 6.28 4.68 -6.96
CG1 GTX D . 6.52 5.73 -8.06
CD1 GTX D . 7.66 5.33 -8.99
OE1 GTX D . 8.26 4.27 -8.80
N2 GTX D . 8.02 6.17 -10.01
CA2 GTX D . 9.13 5.85 -10.95
C2 GTX D . 10.43 6.27 -10.30
O2 GTX D . 10.41 7.00 -9.33
CB2 GTX D . 9.09 6.66 -12.24
SG2 GTX D . 7.67 6.49 -13.34
C1S GTX D . 8.41 7.65 -14.54
C2S GTX D . 7.60 7.92 -15.79
C3S GTX D . 8.46 8.92 -16.60
C4S GTX D . 7.78 9.32 -17.90
C5S GTX D . 8.67 10.31 -18.68
C6S GTX D . 7.99 10.71 -19.99
N3 GTX D . 11.62 5.84 -10.81
CA3 GTX D . 12.87 6.27 -10.16
C3 GTX D . 14.07 5.74 -10.84
O31 GTX D . 13.96 5.05 -11.81
O32 GTX D . 15.28 6.03 -10.37
#